data_8BZH
#
_entry.id   8BZH
#
_cell.length_a   82.102
_cell.length_b   111.554
_cell.length_c   62.578
_cell.angle_alpha   90.00
_cell.angle_beta   90.00
_cell.angle_gamma   90.00
#
_symmetry.space_group_name_H-M   'C 2 2 21'
#
loop_
_entity.id
_entity.type
_entity.pdbx_description
1 polymer '14-3-3 protein sigma'
2 polymer 'ERalpha peptide'
3 non-polymer 'MAGNESIUM ION'
4 non-polymer ~{N}-[(2~{S})-2-[(1~{E},3~{R},4~{S},8~{R},9~{R},10~{R},11~{S},14~{S})-14-(methoxymethyl)-3,10-dimethyl-8-[(2~{S},3~{R},4~{S},5~{S},6~{R})-6-(2-methylbut-3-en-2-yloxymethyl)-3,4,5-tris(oxidanyl)oxan-2-yl]oxy-4,9-bis(oxidanyl)-6-tricyclo[9.3.0.0^{3,7}]tetradeca-1,6-dienyl]propyl]ethanamide
5 water water
#
loop_
_entity_poly.entity_id
_entity_poly.type
_entity_poly.pdbx_seq_one_letter_code
_entity_poly.pdbx_strand_id
1 'polypeptide(L)'
;GAMGSMERASLIQKAKLAEQAERYEDMAAFMKGAVEKGEELSCEERNLLSVAYKNVVGGQRAAWRVLSSIEQKSNEEGSE
EKGPEVREYREKVETELQGVCDTVLGLLDSHLIKEAGDAESRVFYLKMKGDYYRYLAEVATGDDKKRIIDSARSAYQEAM
DISKKEMPPTNPIRLGLALNFSVFHYEIANSPEEAISLAKTTFDEAMADLHTLSEDSYKDSTLIMQLLRDNLTLWT
;
A
2 'polypeptide(L)' FPA(TPO)V B
#
loop_
_chem_comp.id
_chem_comp.type
_chem_comp.name
_chem_comp.formula
EZ5 non-polymer ~{N}-[(2~{S})-2-[(1~{E},3~{R},4~{S},8~{R},9~{R},10~{R},11~{S},14~{S})-14-(methoxymethyl)-3,10-dimethyl-8-[(2~{S},3~{R},4~{S},5~{S},6~{R})-6-(2-methylbut-3-en-2-yloxymethyl)-3,4,5-tris(oxidanyl)oxan-2-yl]oxy-4,9-bis(oxidanyl)-6-tricyclo[9.3.0.0^{3,7}]tetradeca-1,6-dienyl]propyl]ethanamide 'C34 H55 N O10'
MG non-polymer 'MAGNESIUM ION' 'Mg 2'
#
# COMPACT_ATOMS: atom_id res chain seq x y z
N GLY A 1 -22.18 8.04 -9.33
CA GLY A 1 -20.81 8.58 -9.54
C GLY A 1 -20.57 8.92 -10.99
N ALA A 2 -19.53 9.74 -11.22
CA ALA A 2 -19.28 10.30 -12.54
C ALA A 2 -18.99 9.21 -13.56
N MET A 3 -18.61 8.00 -13.10
CA MET A 3 -18.29 6.94 -14.02
C MET A 3 -19.45 5.99 -14.29
N GLY A 4 -20.60 6.25 -13.69
CA GLY A 4 -21.73 5.36 -13.78
C GLY A 4 -22.25 5.12 -15.17
N SER A 5 -22.09 6.09 -16.07
CA SER A 5 -22.59 5.94 -17.43
C SER A 5 -21.60 5.27 -18.37
N MET A 6 -20.38 4.97 -17.94
CA MET A 6 -19.38 4.38 -18.80
C MET A 6 -19.36 2.86 -18.65
N GLU A 7 -19.23 2.18 -19.78
CA GLU A 7 -19.09 0.73 -19.78
C GLU A 7 -17.90 0.27 -18.96
N ARG A 8 -18.06 -0.86 -18.25
CA ARG A 8 -16.96 -1.41 -17.48
C ARG A 8 -15.73 -1.61 -18.35
N ALA A 9 -15.89 -2.18 -19.55
CA ALA A 9 -14.72 -2.45 -20.39
C ALA A 9 -14.05 -1.15 -20.81
N SER A 10 -14.83 -0.09 -21.01
CA SER A 10 -14.25 1.20 -21.38
C SER A 10 -13.48 1.81 -20.23
N LEU A 11 -13.97 1.66 -18.99
CA LEU A 11 -13.25 2.10 -17.80
C LEU A 11 -11.90 1.39 -17.67
N ILE A 12 -11.87 0.07 -17.88
CA ILE A 12 -10.61 -0.67 -17.81
C ILE A 12 -9.66 -0.21 -18.92
N GLN A 13 -10.18 -0.04 -20.14
CA GLN A 13 -9.36 0.43 -21.25
C GLN A 13 -8.76 1.80 -20.92
N LYS A 14 -9.56 2.71 -20.36
CA LYS A 14 -9.06 4.03 -20.07
C LYS A 14 -8.10 4.03 -18.89
N ALA A 15 -8.30 3.14 -17.90
CA ALA A 15 -7.31 3.00 -16.84
C ALA A 15 -5.95 2.61 -17.41
N LYS A 16 -5.93 1.74 -18.42
CA LYS A 16 -4.68 1.35 -19.06
C LYS A 16 -4.05 2.52 -19.82
N LEU A 17 -4.88 3.33 -20.48
CA LEU A 17 -4.38 4.53 -21.16
C LEU A 17 -3.81 5.53 -20.16
N ALA A 18 -4.53 5.75 -19.07
CA ALA A 18 -4.08 6.67 -18.03
C ALA A 18 -2.75 6.21 -17.46
N GLU A 19 -2.58 4.89 -17.26
CA GLU A 19 -1.31 4.39 -16.75
C GLU A 19 -0.18 4.75 -17.72
N GLN A 20 -0.41 4.58 -19.02
CA GLN A 20 0.63 4.86 -20.00
C GLN A 20 0.98 6.33 -20.00
N ALA A 21 0.00 7.18 -19.74
CA ALA A 21 0.16 8.63 -19.70
C ALA A 21 0.60 9.13 -18.33
N GLU A 22 0.78 8.23 -17.36
CA GLU A 22 1.15 8.60 -15.99
C GLU A 22 0.15 9.58 -15.38
N ARG A 23 -1.13 9.35 -15.69
CA ARG A 23 -2.25 10.13 -15.16
C ARG A 23 -2.92 9.29 -14.07
N TYR A 24 -2.26 9.24 -12.92
CA TYR A 24 -2.69 8.26 -11.91
C TYR A 24 -4.01 8.63 -11.22
N GLU A 25 -4.30 9.92 -11.06
CA GLU A 25 -5.60 10.31 -10.53
C GLU A 25 -6.72 9.84 -11.44
N ASP A 26 -6.58 10.09 -12.75
CA ASP A 26 -7.56 9.58 -13.69
C ASP A 26 -7.63 8.07 -13.63
N MET A 27 -6.47 7.40 -13.60
CA MET A 27 -6.43 5.94 -13.48
C MET A 27 -7.23 5.45 -12.30
N ALA A 28 -7.02 6.06 -11.14
CA ALA A 28 -7.74 5.65 -9.96
C ALA A 28 -9.25 5.87 -10.10
N ALA A 29 -9.64 7.00 -10.68
CA ALA A 29 -11.06 7.28 -10.85
C ALA A 29 -11.72 6.27 -11.79
N PHE A 30 -11.01 5.88 -12.86
CA PHE A 30 -11.53 4.86 -13.78
C PHE A 30 -11.67 3.53 -13.06
N MET A 31 -10.68 3.15 -12.25
CA MET A 31 -10.73 1.87 -11.55
C MET A 31 -11.79 1.85 -10.45
N LYS A 32 -11.98 2.97 -9.74
CA LYS A 32 -13.08 3.08 -8.80
C LYS A 32 -14.41 2.88 -9.52
N GLY A 33 -14.56 3.50 -10.67
CA GLY A 33 -15.75 3.29 -11.46
C GLY A 33 -15.94 1.83 -11.85
N ALA A 34 -14.86 1.16 -12.26
CA ALA A 34 -14.96 -0.25 -12.60
C ALA A 34 -15.39 -1.08 -11.39
N VAL A 35 -14.77 -0.83 -10.24
CA VAL A 35 -15.13 -1.61 -9.05
C VAL A 35 -16.61 -1.44 -8.74
N GLU A 36 -17.10 -0.22 -8.91
CA GLU A 36 -18.49 0.09 -8.58
C GLU A 36 -19.49 -0.52 -9.55
N LYS A 37 -19.04 -1.18 -10.63
CA LYS A 37 -19.94 -1.97 -11.47
C LYS A 37 -20.39 -3.24 -10.76
N GLY A 38 -19.71 -3.63 -9.68
CA GLY A 38 -20.20 -4.69 -8.81
C GLY A 38 -19.69 -6.06 -9.12
N GLU A 39 -18.90 -6.23 -10.17
CA GLU A 39 -18.26 -7.48 -10.52
C GLU A 39 -16.88 -7.58 -9.91
N GLU A 40 -16.46 -8.80 -9.61
CA GLU A 40 -15.12 -9.03 -9.14
C GLU A 40 -14.10 -8.56 -10.17
N LEU A 41 -12.93 -8.15 -9.69
CA LEU A 41 -11.82 -7.78 -10.57
C LEU A 41 -10.98 -9.00 -10.90
N SER A 42 -10.51 -9.04 -12.14
CA SER A 42 -9.53 -10.04 -12.53
C SER A 42 -8.14 -9.70 -11.97
N CYS A 43 -7.20 -10.62 -12.19
CA CYS A 43 -5.85 -10.43 -11.67
C CYS A 43 -5.22 -9.17 -12.28
N GLU A 44 -5.37 -8.96 -13.59
CA GLU A 44 -4.82 -7.77 -14.24
C GLU A 44 -5.50 -6.51 -13.72
N GLU A 45 -6.82 -6.58 -13.53
CA GLU A 45 -7.56 -5.41 -13.07
C GLU A 45 -7.20 -5.04 -11.63
N ARG A 46 -6.97 -6.05 -10.78
CA ARG A 46 -6.50 -5.76 -9.42
C ARG A 46 -5.21 -4.94 -9.45
N ASN A 47 -4.29 -5.30 -10.34
CA ASN A 47 -3.03 -4.59 -10.45
C ASN A 47 -3.24 -3.14 -10.89
N LEU A 48 -4.18 -2.92 -11.81
CA LEU A 48 -4.48 -1.55 -12.20
C LEU A 48 -5.01 -0.74 -11.03
N LEU A 49 -5.91 -1.32 -10.24
CA LEU A 49 -6.44 -0.64 -9.07
C LEU A 49 -5.32 -0.27 -8.10
N SER A 50 -4.47 -1.24 -7.80
CA SER A 50 -3.43 -1.01 -6.81
C SER A 50 -2.42 0.01 -7.27
N VAL A 51 -1.98 -0.07 -8.53
CA VAL A 51 -0.97 0.85 -9.01
C VAL A 51 -1.50 2.28 -9.02
N ALA A 52 -2.77 2.44 -9.42
CA ALA A 52 -3.35 3.77 -9.51
C ALA A 52 -3.32 4.47 -8.14
N TYR A 53 -3.90 3.83 -7.13
CA TYR A 53 -3.96 4.46 -5.81
C TYR A 53 -2.60 4.52 -5.14
N LYS A 54 -1.73 3.53 -5.40
CA LYS A 54 -0.39 3.60 -4.80
C LYS A 54 0.34 4.83 -5.29
N ASN A 55 0.16 5.17 -6.57
CA ASN A 55 0.86 6.32 -7.10
C ASN A 55 0.24 7.62 -6.64
N VAL A 56 -1.09 7.69 -6.56
CA VAL A 56 -1.73 8.90 -6.05
C VAL A 56 -1.28 9.18 -4.62
N VAL A 57 -1.44 8.18 -3.75
CA VAL A 57 -1.11 8.40 -2.34
C VAL A 57 0.39 8.55 -2.19
N GLY A 58 1.19 7.88 -3.04
CA GLY A 58 2.63 8.05 -2.98
C GLY A 58 3.07 9.49 -3.18
N GLY A 59 2.46 10.17 -4.14
CA GLY A 59 2.76 11.57 -4.34
C GLY A 59 2.33 12.42 -3.16
N GLN A 60 1.17 12.09 -2.59
CA GLN A 60 0.68 12.86 -1.45
C GLN A 60 1.58 12.66 -0.25
N ARG A 61 2.05 11.42 -0.04
CA ARG A 61 2.95 11.13 1.06
C ARG A 61 4.27 11.87 0.90
N ALA A 62 4.83 11.88 -0.32
CA ALA A 62 6.07 12.61 -0.55
C ALA A 62 5.88 14.09 -0.22
N ALA A 63 4.76 14.68 -0.65
CA ALA A 63 4.53 16.10 -0.37
C ALA A 63 4.33 16.33 1.12
N TRP A 64 3.56 15.45 1.79
CA TRP A 64 3.34 15.57 3.22
C TRP A 64 4.66 15.52 3.97
N ARG A 65 5.58 14.66 3.53
CA ARG A 65 6.85 14.54 4.22
C ARG A 65 7.66 15.83 4.10
N VAL A 66 7.66 16.44 2.90
CA VAL A 66 8.37 17.70 2.72
C VAL A 66 7.82 18.75 3.66
N LEU A 67 6.50 18.86 3.71
CA LEU A 67 5.85 19.90 4.52
C LEU A 67 6.00 19.61 6.01
N SER A 68 5.85 18.36 6.43
CA SER A 68 6.04 18.02 7.83
C SER A 68 7.47 18.35 8.27
N SER A 69 8.44 18.12 7.41
CA SER A 69 9.83 18.44 7.74
C SER A 69 10.01 19.95 7.93
N ILE A 70 9.43 20.75 7.06
CA ILE A 70 9.49 22.21 7.22
C ILE A 70 8.82 22.62 8.52
N GLU A 71 7.69 22.00 8.85
CA GLU A 71 6.94 22.34 10.05
C GLU A 71 7.73 21.99 11.29
N GLN A 72 8.43 20.86 11.27
CA GLN A 72 9.18 20.45 12.44
C GLN A 72 10.37 21.37 12.66
N LYS A 73 11.07 21.72 11.59
CA LYS A 73 12.14 22.70 11.70
C LYS A 73 11.59 24.03 12.23
N SER A 74 10.39 24.42 11.78
CA SER A 74 9.77 25.67 12.22
C SER A 74 9.46 25.68 13.70
N ASN A 75 9.42 24.53 14.35
CA ASN A 75 9.07 24.42 15.77
C ASN A 75 10.26 24.07 16.64
N GLU A 76 11.48 24.27 16.15
CA GLU A 76 12.69 24.05 16.92
C GLU A 76 13.20 25.37 17.51
N GLU A 77 14.01 25.25 18.56
CA GLU A 77 14.53 26.44 19.24
C GLU A 77 15.32 27.30 18.27
N GLY A 78 15.05 28.61 18.29
CA GLY A 78 15.73 29.53 17.41
C GLY A 78 15.08 29.71 16.05
N SER A 79 14.00 28.98 15.77
CA SER A 79 13.25 29.18 14.53
C SER A 79 12.36 30.39 14.67
N GLU A 80 12.20 31.14 13.59
CA GLU A 80 11.40 32.35 13.63
C GLU A 80 9.93 32.05 13.38
N GLU A 81 9.07 32.74 14.13
CA GLU A 81 7.62 32.60 14.02
C GLU A 81 7.17 33.03 12.63
N LYS A 82 6.70 32.07 11.83
CA LYS A 82 6.29 32.33 10.45
C LYS A 82 4.78 32.22 10.28
N GLY A 83 4.02 32.08 11.37
CA GLY A 83 2.58 32.08 11.29
C GLY A 83 2.01 30.70 11.02
N PRO A 84 0.70 30.64 10.75
CA PRO A 84 0.02 29.35 10.65
C PRO A 84 0.14 28.66 9.30
N GLU A 85 0.84 29.23 8.32
CA GLU A 85 0.68 28.76 6.96
C GLU A 85 1.26 27.38 6.74
N VAL A 86 2.42 27.06 7.31
CA VAL A 86 3.02 25.75 7.11
C VAL A 86 2.10 24.67 7.66
N ARG A 87 1.61 24.89 8.89
CA ARG A 87 0.66 23.94 9.46
C ARG A 87 -0.60 23.81 8.60
N GLU A 88 -1.16 24.96 8.18
CA GLU A 88 -2.38 24.92 7.40
C GLU A 88 -2.18 24.08 6.14
N TYR A 89 -1.09 24.33 5.42
CA TYR A 89 -0.89 23.66 4.14
C TYR A 89 -0.56 22.19 4.34
N ARG A 90 0.21 21.87 5.38
CA ARG A 90 0.40 20.45 5.73
C ARG A 90 -0.92 19.78 6.04
N GLU A 91 -1.80 20.45 6.78
CA GLU A 91 -3.13 19.91 7.09
C GLU A 91 -3.95 19.71 5.82
N LYS A 92 -3.82 20.64 4.86
CA LYS A 92 -4.55 20.51 3.61
C LYS A 92 -4.14 19.26 2.86
N VAL A 93 -2.82 19.08 2.68
CA VAL A 93 -2.32 17.87 2.01
C VAL A 93 -2.70 16.62 2.80
N GLU A 94 -2.58 16.68 4.13
CA GLU A 94 -2.93 15.54 4.97
C GLU A 94 -4.38 15.13 4.81
N THR A 95 -5.29 16.10 4.80
CA THR A 95 -6.71 15.81 4.67
C THR A 95 -7.03 15.20 3.30
N GLU A 96 -6.37 15.68 2.25
CA GLU A 96 -6.54 15.09 0.93
C GLU A 96 -6.04 13.65 0.93
N LEU A 97 -4.88 13.41 1.54
CA LEU A 97 -4.32 12.06 1.64
C LEU A 97 -5.26 11.14 2.38
N GLN A 98 -5.78 11.60 3.52
CA GLN A 98 -6.72 10.80 4.29
C GLN A 98 -7.96 10.48 3.47
N GLY A 99 -8.42 11.44 2.67
CA GLY A 99 -9.58 11.22 1.83
C GLY A 99 -9.35 10.11 0.81
N VAL A 100 -8.17 10.08 0.20
CA VAL A 100 -7.89 9.04 -0.77
C VAL A 100 -7.78 7.68 -0.07
N CYS A 101 -7.10 7.63 1.08
CA CYS A 101 -7.03 6.39 1.85
C CYS A 101 -8.44 5.90 2.21
N ASP A 102 -9.29 6.81 2.68
CA ASP A 102 -10.65 6.44 3.04
C ASP A 102 -11.42 5.91 1.83
N THR A 103 -11.20 6.52 0.67
CA THR A 103 -11.88 6.04 -0.54
C THR A 103 -11.45 4.61 -0.86
N VAL A 104 -10.14 4.36 -0.84
CA VAL A 104 -9.65 3.01 -1.13
C VAL A 104 -10.20 2.01 -0.12
N LEU A 105 -10.11 2.35 1.16
CA LEU A 105 -10.57 1.44 2.19
C LEU A 105 -12.06 1.16 2.05
N GLY A 106 -12.84 2.17 1.64
CA GLY A 106 -14.24 1.94 1.39
C GLY A 106 -14.50 1.00 0.23
N LEU A 107 -13.72 1.10 -0.84
CA LEU A 107 -13.87 0.17 -1.95
C LEU A 107 -13.55 -1.25 -1.48
N LEU A 108 -12.47 -1.39 -0.72
CA LEU A 108 -12.09 -2.71 -0.23
C LEU A 108 -13.18 -3.29 0.65
N ASP A 109 -13.74 -2.48 1.54
CA ASP A 109 -14.77 -2.97 2.45
C ASP A 109 -16.12 -3.15 1.74
N SER A 110 -16.29 -2.64 0.52
CA SER A 110 -17.56 -2.66 -0.22
C SER A 110 -17.29 -2.70 -1.73
N HIS A 111 -17.11 -3.90 -2.29
CA HIS A 111 -17.34 -5.20 -1.64
C HIS A 111 -16.19 -6.11 -2.06
N LEU A 112 -15.02 -5.54 -2.32
CA LEU A 112 -13.92 -6.35 -2.84
C LEU A 112 -13.52 -7.45 -1.87
N ILE A 113 -13.32 -7.12 -0.59
CA ILE A 113 -12.86 -8.15 0.34
C ILE A 113 -13.95 -9.20 0.60
N LYS A 114 -15.19 -8.76 0.79
CA LYS A 114 -16.26 -9.71 1.10
C LYS A 114 -16.37 -10.82 0.05
N GLU A 115 -16.20 -10.49 -1.23
CA GLU A 115 -16.45 -11.45 -2.30
C GLU A 115 -15.19 -12.19 -2.76
N ALA A 116 -14.02 -11.86 -2.21
CA ALA A 116 -12.76 -12.46 -2.64
C ALA A 116 -12.55 -13.76 -1.88
N GLY A 117 -12.60 -14.88 -2.59
CA GLY A 117 -12.41 -16.18 -1.97
C GLY A 117 -11.11 -16.84 -2.37
N ASP A 118 -10.68 -16.65 -3.62
CA ASP A 118 -9.40 -17.20 -4.00
C ASP A 118 -8.28 -16.50 -3.25
N ALA A 119 -7.23 -17.24 -2.92
CA ALA A 119 -6.20 -16.70 -2.05
C ALA A 119 -5.52 -15.49 -2.67
N GLU A 120 -5.19 -15.57 -3.96
CA GLU A 120 -4.57 -14.42 -4.62
C GLU A 120 -5.36 -13.17 -4.30
N SER A 121 -6.63 -13.15 -4.70
CA SER A 121 -7.42 -11.93 -4.56
C SER A 121 -7.56 -11.53 -3.10
N ARG A 122 -7.85 -12.49 -2.22
CA ARG A 122 -8.08 -12.12 -0.82
C ARG A 122 -6.84 -11.53 -0.19
N VAL A 123 -5.68 -12.17 -0.40
CA VAL A 123 -4.43 -11.67 0.16
C VAL A 123 -4.10 -10.30 -0.43
N PHE A 124 -4.34 -10.15 -1.73
CA PHE A 124 -4.06 -8.89 -2.40
C PHE A 124 -4.85 -7.74 -1.77
N TYR A 125 -6.14 -7.92 -1.59
CA TYR A 125 -6.96 -6.85 -1.04
C TYR A 125 -6.68 -6.61 0.44
N LEU A 126 -6.39 -7.67 1.21
CA LEU A 126 -6.03 -7.45 2.61
C LEU A 126 -4.68 -6.74 2.74
N LYS A 127 -3.73 -7.05 1.85
CA LYS A 127 -2.49 -6.29 1.82
C LYS A 127 -2.78 -4.81 1.55
N MET A 128 -3.63 -4.53 0.56
CA MET A 128 -3.97 -3.13 0.31
C MET A 128 -4.58 -2.49 1.55
N LYS A 129 -5.48 -3.20 2.23
CA LYS A 129 -6.11 -2.67 3.43
C LYS A 129 -5.06 -2.32 4.47
N GLY A 130 -4.10 -3.21 4.70
CA GLY A 130 -2.99 -2.89 5.59
C GLY A 130 -2.19 -1.68 5.13
N ASP A 131 -1.91 -1.60 3.83
CA ASP A 131 -1.14 -0.49 3.28
C ASP A 131 -1.83 0.85 3.53
N TYR A 132 -3.13 0.95 3.24
CA TYR A 132 -3.83 2.23 3.37
C TYR A 132 -4.04 2.60 4.82
N TYR A 133 -4.24 1.63 5.71
CA TYR A 133 -4.22 1.98 7.13
C TYR A 133 -2.83 2.42 7.58
N ARG A 134 -1.77 1.80 7.03
CA ARG A 134 -0.43 2.25 7.37
C ARG A 134 -0.20 3.69 6.93
N TYR A 135 -0.70 4.07 5.75
CA TYR A 135 -0.53 5.44 5.31
C TYR A 135 -1.31 6.39 6.21
N LEU A 136 -2.50 5.98 6.64
CA LEU A 136 -3.21 6.80 7.63
C LEU A 136 -2.40 6.89 8.94
N ALA A 137 -1.73 5.81 9.34
CA ALA A 137 -0.94 5.82 10.57
C ALA A 137 0.26 6.76 10.47
N GLU A 138 0.85 6.91 9.29
CA GLU A 138 2.01 7.76 9.12
C GLU A 138 1.70 9.21 9.52
N VAL A 139 0.45 9.64 9.34
CA VAL A 139 0.07 11.04 9.59
C VAL A 139 -0.76 11.22 10.84
N ALA A 140 -1.10 10.13 11.53
CA ALA A 140 -2.00 10.20 12.67
C ALA A 140 -1.23 10.62 13.91
N THR A 141 -1.77 11.59 14.65
CA THR A 141 -1.13 12.11 15.86
C THR A 141 -2.13 12.05 17.01
N GLY A 142 -3.41 12.09 16.69
CA GLY A 142 -4.46 12.21 17.69
C GLY A 142 -4.74 10.89 18.37
N ASP A 143 -5.86 10.88 19.11
CA ASP A 143 -6.30 9.69 19.82
C ASP A 143 -6.45 8.50 18.88
N ASP A 144 -6.60 8.79 17.59
CA ASP A 144 -6.87 7.80 16.56
C ASP A 144 -5.69 6.89 16.26
N LYS A 145 -4.47 7.28 16.63
CA LYS A 145 -3.30 6.62 16.04
C LYS A 145 -3.27 5.14 16.39
N LYS A 146 -3.48 4.80 17.65
CA LYS A 146 -3.35 3.39 18.04
C LYS A 146 -4.39 2.53 17.33
N ARG A 147 -5.63 3.00 17.23
CA ARG A 147 -6.64 2.20 16.55
C ARG A 147 -6.25 2.00 15.09
N ILE A 148 -5.75 3.05 14.44
CA ILE A 148 -5.36 2.93 13.02
C ILE A 148 -4.24 1.89 12.86
N ILE A 149 -3.24 1.96 13.72
CA ILE A 149 -2.16 0.97 13.72
C ILE A 149 -2.71 -0.43 13.92
N ASP A 150 -3.66 -0.60 14.84
CA ASP A 150 -4.23 -1.92 15.09
C ASP A 150 -4.97 -2.43 13.85
N SER A 151 -5.65 -1.53 13.13
CA SER A 151 -6.38 -1.91 11.93
C SER A 151 -5.43 -2.35 10.84
N ALA A 152 -4.30 -1.66 10.70
CA ALA A 152 -3.28 -2.07 9.73
C ALA A 152 -2.74 -3.46 10.07
N ARG A 153 -2.38 -3.66 11.34
CA ARG A 153 -1.81 -4.93 11.77
C ARG A 153 -2.81 -6.06 11.55
N SER A 154 -4.09 -5.83 11.86
CA SER A 154 -5.09 -6.89 11.74
C SER A 154 -5.27 -7.31 10.27
N ALA A 155 -5.28 -6.34 9.37
CA ALA A 155 -5.39 -6.67 7.95
C ALA A 155 -4.17 -7.42 7.45
N TYR A 156 -2.97 -6.93 7.79
CA TYR A 156 -1.75 -7.58 7.37
C TYR A 156 -1.66 -8.99 7.93
N GLN A 157 -2.11 -9.17 9.17
CA GLN A 157 -2.03 -10.49 9.79
C GLN A 157 -2.95 -11.49 9.13
N GLU A 158 -4.20 -11.10 8.86
CA GLU A 158 -5.09 -12.01 8.15
C GLU A 158 -4.50 -12.38 6.79
N ALA A 159 -3.96 -11.38 6.08
CA ALA A 159 -3.35 -11.66 4.78
C ALA A 159 -2.17 -12.62 4.94
N MET A 160 -1.34 -12.43 5.98
CA MET A 160 -0.20 -13.29 6.20
C MET A 160 -0.64 -14.72 6.44
N ASP A 161 -1.67 -14.90 7.28
CA ASP A 161 -2.16 -16.23 7.60
C ASP A 161 -2.63 -16.96 6.34
N ILE A 162 -3.37 -16.27 5.47
CA ILE A 162 -3.84 -16.90 4.25
C ILE A 162 -2.68 -17.19 3.31
N SER A 163 -1.75 -16.25 3.16
CA SER A 163 -0.65 -16.41 2.22
C SER A 163 0.24 -17.58 2.60
N LYS A 164 0.46 -17.80 3.89
CA LYS A 164 1.31 -18.91 4.31
C LYS A 164 0.63 -20.24 4.09
N LYS A 165 -0.70 -20.27 4.20
CA LYS A 165 -1.46 -21.50 3.97
C LYS A 165 -1.62 -21.82 2.50
N GLU A 166 -1.78 -20.79 1.63
CA GLU A 166 -2.33 -20.98 0.29
C GLU A 166 -1.40 -20.58 -0.84
N MET A 167 -0.26 -19.96 -0.57
CA MET A 167 0.60 -19.55 -1.65
C MET A 167 2.01 -20.05 -1.42
N PRO A 168 2.78 -20.28 -2.48
CA PRO A 168 4.19 -20.66 -2.28
C PRO A 168 5.02 -19.48 -1.82
N PRO A 169 6.19 -19.73 -1.22
CA PRO A 169 7.00 -18.63 -0.66
C PRO A 169 7.42 -17.59 -1.66
N THR A 170 7.61 -17.96 -2.93
CA THR A 170 8.05 -17.01 -3.93
C THR A 170 6.91 -16.32 -4.66
N ASN A 171 5.66 -16.56 -4.28
CA ASN A 171 4.55 -15.84 -4.90
CA ASN A 171 4.56 -15.85 -4.90
C ASN A 171 4.75 -14.34 -4.69
N PRO A 172 4.68 -13.53 -5.75
CA PRO A 172 4.99 -12.11 -5.57
C PRO A 172 4.07 -11.38 -4.60
N ILE A 173 2.80 -11.78 -4.55
CA ILE A 173 1.90 -11.12 -3.61
C ILE A 173 2.26 -11.50 -2.18
N ARG A 174 2.56 -12.77 -1.96
CA ARG A 174 3.03 -13.18 -0.65
C ARG A 174 4.31 -12.44 -0.25
N LEU A 175 5.26 -12.31 -1.17
CA LEU A 175 6.50 -11.61 -0.88
C LEU A 175 6.26 -10.14 -0.58
N GLY A 176 5.45 -9.49 -1.41
CA GLY A 176 5.23 -8.06 -1.22
C GLY A 176 4.47 -7.76 0.07
N LEU A 177 3.52 -8.62 0.42
CA LEU A 177 2.86 -8.51 1.72
C LEU A 177 3.88 -8.55 2.84
N ALA A 178 4.77 -9.55 2.81
CA ALA A 178 5.73 -9.68 3.90
C ALA A 178 6.67 -8.47 3.93
N LEU A 179 7.11 -8.00 2.76
CA LEU A 179 7.94 -6.81 2.70
C LEU A 179 7.26 -5.65 3.40
N ASN A 180 6.00 -5.39 3.07
CA ASN A 180 5.29 -4.22 3.61
C ASN A 180 4.96 -4.38 5.08
N PHE A 181 4.60 -5.61 5.50
CA PHE A 181 4.31 -5.83 6.92
C PHE A 181 5.57 -5.68 7.75
N SER A 182 6.72 -6.09 7.20
CA SER A 182 7.98 -5.86 7.88
C SER A 182 8.25 -4.37 8.02
N VAL A 183 7.99 -3.59 6.97
CA VAL A 183 8.14 -2.13 7.09
C VAL A 183 7.18 -1.56 8.13
N PHE A 184 5.94 -2.04 8.16
CA PHE A 184 5.00 -1.63 9.20
C PHE A 184 5.60 -1.85 10.59
N HIS A 185 6.15 -3.04 10.82
CA HIS A 185 6.73 -3.32 12.13
C HIS A 185 7.85 -2.36 12.46
N TYR A 186 8.72 -2.07 11.49
CA TYR A 186 9.89 -1.24 11.74
C TYR A 186 9.52 0.24 11.94
N GLU A 187 8.68 0.78 11.05
CA GLU A 187 8.49 2.23 10.93
C GLU A 187 7.25 2.74 11.66
N ILE A 188 6.26 1.90 11.87
CA ILE A 188 4.98 2.27 12.45
C ILE A 188 4.82 1.73 13.86
N ALA A 189 5.11 0.44 14.05
CA ALA A 189 4.73 -0.27 15.26
C ALA A 189 5.86 -0.40 16.26
N ASN A 190 7.00 0.23 16.03
CA ASN A 190 8.10 0.24 17.01
C ASN A 190 8.57 -1.16 17.35
N SER A 191 8.65 -2.02 16.33
CA SER A 191 9.00 -3.44 16.50
C SER A 191 10.08 -3.82 15.50
N PRO A 192 11.26 -3.20 15.61
CA PRO A 192 12.33 -3.47 14.63
C PRO A 192 12.77 -4.92 14.61
N GLU A 193 12.76 -5.59 15.77
CA GLU A 193 13.16 -6.99 15.78
C GLU A 193 12.19 -7.84 15.00
N GLU A 194 10.88 -7.62 15.17
CA GLU A 194 9.90 -8.32 14.37
C GLU A 194 10.07 -8.01 12.89
N ALA A 195 10.35 -6.75 12.54
CA ALA A 195 10.57 -6.39 11.15
C ALA A 195 11.72 -7.17 10.54
N ILE A 196 12.85 -7.25 11.27
CA ILE A 196 14.03 -7.93 10.78
C ILE A 196 13.76 -9.42 10.67
N SER A 197 13.15 -10.01 11.69
CA SER A 197 12.86 -11.44 11.68
C SER A 197 11.98 -11.80 10.50
N LEU A 198 10.92 -11.01 10.27
CA LEU A 198 10.03 -11.28 9.14
C LEU A 198 10.75 -11.18 7.82
N ALA A 199 11.55 -10.11 7.64
CA ALA A 199 12.22 -9.95 6.36
C ALA A 199 13.20 -11.09 6.13
N LYS A 200 13.94 -11.50 7.17
CA LYS A 200 14.94 -12.55 6.99
C LYS A 200 14.29 -13.90 6.70
N THR A 201 13.26 -14.28 7.47
CA THR A 201 12.62 -15.58 7.22
C THR A 201 11.97 -15.60 5.85
N THR A 202 11.32 -14.50 5.46
CA THR A 202 10.71 -14.42 4.15
C THR A 202 11.75 -14.61 3.06
N PHE A 203 12.88 -13.90 3.17
CA PHE A 203 13.92 -13.99 2.16
C PHE A 203 14.48 -15.40 2.09
N ASP A 204 14.80 -15.98 3.23
CA ASP A 204 15.42 -17.30 3.24
C ASP A 204 14.49 -18.36 2.68
N GLU A 205 13.19 -18.29 3.01
CA GLU A 205 12.24 -19.27 2.54
C GLU A 205 11.97 -19.10 1.05
N ALA A 206 12.10 -17.88 0.54
CA ALA A 206 11.93 -17.65 -0.88
C ALA A 206 13.11 -18.18 -1.67
N MET A 207 14.33 -18.03 -1.14
CA MET A 207 15.49 -18.57 -1.84
C MET A 207 15.31 -20.05 -2.09
N ALA A 208 14.90 -20.77 -1.06
CA ALA A 208 14.77 -22.22 -1.10
C ALA A 208 13.63 -22.66 -2.01
N ASP A 209 12.79 -21.72 -2.46
CA ASP A 209 11.66 -21.99 -3.32
C ASP A 209 11.90 -21.46 -4.72
N LEU A 210 13.04 -20.81 -4.97
CA LEU A 210 13.30 -20.25 -6.29
C LEU A 210 13.27 -21.31 -7.38
N HIS A 211 13.56 -22.57 -7.04
CA HIS A 211 13.64 -23.61 -8.06
C HIS A 211 12.27 -23.99 -8.61
N THR A 212 11.19 -23.51 -7.98
CA THR A 212 9.83 -23.71 -8.49
C THR A 212 9.25 -22.45 -9.12
N LEU A 213 9.99 -21.33 -9.11
CA LEU A 213 9.42 -20.07 -9.55
C LEU A 213 9.32 -20.01 -11.07
N SER A 214 8.17 -19.55 -11.57
CA SER A 214 7.92 -19.45 -13.00
C SER A 214 8.79 -18.35 -13.63
N GLU A 215 9.09 -18.55 -14.92
CA GLU A 215 9.85 -17.51 -15.62
C GLU A 215 9.03 -16.21 -15.73
N ASP A 216 7.71 -16.36 -15.74
CA ASP A 216 6.84 -15.19 -15.83
C ASP A 216 6.88 -14.33 -14.57
N SER A 217 7.03 -14.98 -13.43
CA SER A 217 7.09 -14.28 -12.14
C SER A 217 8.50 -14.03 -11.61
N TYR A 218 9.53 -14.55 -12.29
CA TYR A 218 10.90 -14.39 -11.80
C TYR A 218 11.23 -12.93 -11.55
N LYS A 219 10.87 -12.05 -12.50
CA LYS A 219 11.27 -10.65 -12.38
C LYS A 219 10.62 -10.01 -11.16
N ASP A 220 9.31 -10.22 -10.99
CA ASP A 220 8.60 -9.58 -9.89
C ASP A 220 9.13 -10.11 -8.55
N SER A 221 9.28 -11.42 -8.43
CA SER A 221 9.67 -12.00 -7.16
C SER A 221 11.12 -11.69 -6.83
N THR A 222 12.00 -11.72 -7.82
CA THR A 222 13.39 -11.39 -7.51
C THR A 222 13.54 -9.92 -7.16
N LEU A 223 12.75 -9.03 -7.78
CA LEU A 223 12.77 -7.62 -7.40
C LEU A 223 12.39 -7.48 -5.93
N ILE A 224 11.30 -8.12 -5.53
CA ILE A 224 10.84 -7.97 -4.16
C ILE A 224 11.85 -8.60 -3.20
N MET A 225 12.45 -9.73 -3.58
CA MET A 225 13.51 -10.29 -2.74
C MET A 225 14.67 -9.31 -2.58
N GLN A 226 15.02 -8.60 -3.65
CA GLN A 226 16.08 -7.59 -3.53
C GLN A 226 15.66 -6.46 -2.59
N LEU A 227 14.38 -6.07 -2.61
CA LEU A 227 13.91 -5.04 -1.68
C LEU A 227 13.99 -5.52 -0.24
N LEU A 228 13.69 -6.81 0.00
CA LEU A 228 13.85 -7.35 1.34
C LEU A 228 15.30 -7.28 1.79
N ARG A 229 16.23 -7.67 0.89
CA ARG A 229 17.66 -7.58 1.21
C ARG A 229 18.09 -6.14 1.43
N ASP A 230 17.59 -5.21 0.62
CA ASP A 230 17.90 -3.79 0.82
C ASP A 230 17.48 -3.33 2.22
N ASN A 231 16.26 -3.69 2.63
CA ASN A 231 15.79 -3.26 3.94
C ASN A 231 16.62 -3.90 5.06
N LEU A 232 16.95 -5.18 4.91
CA LEU A 232 17.78 -5.83 5.92
C LEU A 232 19.16 -5.18 6.00
N THR A 233 19.70 -4.73 4.88
CA THR A 233 20.99 -4.01 4.88
C THR A 233 20.85 -2.64 5.56
N LEU A 234 19.72 -1.96 5.36
CA LEU A 234 19.47 -0.70 6.05
C LEU A 234 19.33 -0.90 7.55
N TRP A 235 18.82 -2.05 7.98
CA TRP A 235 18.38 -2.23 9.34
C TRP A 235 19.39 -2.96 10.21
N THR A 236 20.45 -3.49 9.63
CA THR A 236 21.40 -4.29 10.38
C THR A 236 22.85 -3.96 10.08
N PHE B 1 14.16 6.18 3.68
CA PHE B 1 12.99 5.36 3.99
C PHE B 1 13.19 3.94 3.45
N PRO B 2 12.57 2.96 4.08
CA PRO B 2 12.68 1.58 3.60
C PRO B 2 11.75 1.34 2.42
N ALA B 3 12.03 0.25 1.71
CA ALA B 3 11.28 -0.05 0.48
C ALA B 3 10.00 -0.86 0.71
N TPO B 4 8.94 -0.51 -0.03
CA TPO B 4 7.63 -1.20 0.02
CB TPO B 4 6.59 -0.38 0.80
CG2 TPO B 4 6.99 -0.37 2.28
OG1 TPO B 4 6.61 0.89 0.17
P TPO B 4 5.43 1.92 0.60
O1P TPO B 4 5.49 3.03 -0.52
O2P TPO B 4 5.77 2.49 1.96
O3P TPO B 4 4.02 1.21 0.60
C TPO B 4 7.24 -1.41 -1.46
O TPO B 4 7.86 -0.83 -2.37
HA TPO B 4 7.67 -2.05 0.49
HB TPO B 4 5.57 -0.79 0.79
HG21 TPO B 4 6.20 0.08 2.87
HG22 TPO B 4 7.90 0.21 2.41
HG23 TPO B 4 7.18 -1.39 2.62
N VAL B 5 6.25 -2.25 -1.69
CA VAL B 5 5.80 -2.56 -3.05
C VAL B 5 4.27 -2.56 -3.08
MG MG C . 6.50 -15.55 12.78
MG MG D . -22.53 -2.72 -19.54
MG MG E . -5.10 16.59 10.42
C01 EZ5 F . -1.45 -5.12 -3.27
C03 EZ5 F . 0.27 -5.46 -4.86
C04 EZ5 F . 1.68 -5.69 -4.87
C05 EZ5 F . 2.17 -7.11 -4.33
C06 EZ5 F . 3.27 -7.48 -5.08
C07 EZ5 F . 3.02 -6.89 -6.65
C08 EZ5 F . 2.45 -8.02 -7.55
C09 EZ5 F . 0.97 -7.97 -7.72
C10 EZ5 F . 3.20 -7.97 -8.96
C12 EZ5 F . 2.80 -6.81 -9.91
C14 EZ5 F . 2.55 -7.03 -12.22
C16 EZ5 F . 2.97 -4.73 -12.91
C17 EZ5 F . 2.22 -3.43 -13.24
C19 EZ5 F . 0.89 -2.41 -14.93
C20 EZ5 F . 1.90 -1.27 -15.05
C21 EZ5 F . -0.33 -1.92 -14.10
C22 EZ5 F . 0.44 -2.72 -16.34
C23 EZ5 F . -0.32 -3.76 -16.53
C24 EZ5 F . 3.81 -5.20 -14.06
C26 EZ5 F . 4.37 -6.58 -13.83
C28 EZ5 F . 3.26 -7.52 -13.48
C30 EZ5 F . 3.21 -5.45 -9.26
C31 EZ5 F . 4.64 -4.99 -9.23
C32 EZ5 F . 4.61 -3.56 -8.67
C33 EZ5 F . 3.15 -3.05 -8.86
C34 EZ5 F . 2.34 -4.40 -8.70
C35 EZ5 F . 1.02 -4.37 -9.42
C36 EZ5 F . 1.98 -4.54 -7.23
C37 EZ5 F . 2.27 -5.76 -6.37
C39 EZ5 F . 5.90 -5.72 -9.73
C40 EZ5 F . 6.77 -5.94 -8.56
C41 EZ5 F . 6.58 -4.84 -10.80
C43 EZ5 F . 8.85 -5.20 -11.83
C44 EZ5 F . 9.86 -6.20 -12.41
N42 EZ5 F . 7.60 -5.73 -11.39
O02 EZ5 F . -0.08 -5.39 -3.47
O11 EZ5 F . 2.95 -9.14 -9.64
O13 EZ5 F . 3.46 -6.91 -11.16
O15 EZ5 F . 1.95 -5.71 -12.52
O18 EZ5 F . 1.40 -3.67 -14.35
O25 EZ5 F . 4.89 -4.25 -14.27
O27 EZ5 F . 5.02 -6.95 -15.07
O29 EZ5 F . 3.69 -8.87 -13.23
O38 EZ5 F . 2.87 -2.06 -7.99
O45 EZ5 F . 9.07 -4.03 -11.73
H011 EZ5 F . -1.69 -4.29 -3.68
H013 EZ5 F . -1.98 -5.85 -3.65
H012 EZ5 F . -1.63 -5.07 -2.31
H031 EZ5 F . -0.20 -6.19 -5.30
H032 EZ5 F . 0.06 -4.63 -5.32
H041 EZ5 F . 2.04 -4.97 -4.33
H051 EZ5 F . 1.46 -7.76 -4.45
H052 EZ5 F . 2.42 -7.03 -3.40
H062 EZ5 F . 3.34 -8.44 -5.11
H061 EZ5 F . 4.07 -7.08 -4.71
H071 EZ5 F . 3.82 -6.62 -7.14
H081 EZ5 F . 2.57 -8.88 -7.10
H091 EZ5 F . 0.54 -8.02 -6.85
H092 EZ5 F . 0.67 -8.71 -8.27
H093 EZ5 F . 0.72 -7.12 -8.14
H101 EZ5 F . 4.15 -7.88 -8.75
H121 EZ5 F . 1.85 -6.86 -10.07
H141 EZ5 F . 1.88 -7.67 -11.93
H161 EZ5 F . 3.59 -4.55 -12.18
H171 EZ5 F . 1.68 -3.16 -12.48
H172 EZ5 F . 2.86 -2.73 -13.45
H202 EZ5 F . 2.21 -1.01 -14.17
H201 EZ5 F . 2.67 -1.57 -15.57
H203 EZ5 F . 1.49 -0.51 -15.49
H212 EZ5 F . -0.07 -1.15 -13.56
H213 EZ5 F . -0.63 -2.63 -13.51
H211 EZ5 F . -1.05 -1.66 -14.69
H221 EZ5 F . 0.70 -2.18 -17.06
H231 EZ5 F . -0.61 -3.97 -17.39
H232 EZ5 F . -0.56 -4.28 -15.81
H241 EZ5 F . 3.27 -5.23 -14.87
H261 EZ5 F . 5.01 -6.60 -13.12
H281 EZ5 F . 2.68 -7.57 -14.26
H322 EZ5 F . 5.22 -2.99 -9.17
H321 EZ5 F . 4.85 -3.56 -7.74
H331 EZ5 F . 2.95 -2.67 -9.74
H353 EZ5 F . 1.16 -4.11 -10.35
H352 EZ5 F . 0.60 -5.25 -9.39
H351 EZ5 F . 0.43 -3.72 -9.00
H361 EZ5 F . 1.54 -3.82 -6.82
H391 EZ5 F . 5.69 -6.58 -10.14
H401 EZ5 F . 7.08 -6.85 -8.55
H403 EZ5 F . 6.26 -5.77 -7.74
H402 EZ5 F . 7.52 -5.33 -8.60
H411 EZ5 F . 5.95 -4.56 -11.47
H412 EZ5 F . 6.99 -4.07 -10.40
H441 EZ5 F . 10.66 -5.72 -12.69
H443 EZ5 F . 9.47 -6.66 -13.16
H442 EZ5 F . 10.10 -6.84 -11.71
H421 EZ5 F . 7.44 -6.57 -11.47
H111 EZ5 F . 2.84 -9.77 -9.07
H251 EZ5 F . 4.99 -3.79 -13.56
H271 EZ5 F . 4.76 -6.41 -15.68
H291 EZ5 F . 4.51 -8.94 -13.45
H381 EZ5 F . 2.03 -1.99 -7.90
#